data_7BFM
#
_entry.id   7BFM
#
_cell.length_a   178.638
_cell.length_b   178.638
_cell.length_c   178.638
_cell.angle_alpha   90.000
_cell.angle_beta   90.000
_cell.angle_gamma   90.000
#
_symmetry.space_group_name_H-M   'P 21 3'
#
loop_
_entity.id
_entity.type
_entity.pdbx_description
1 polymer 'Putative copper oxidase'
2 non-polymer 'TETRAETHYLENE GLYCOL'
3 non-polymer 'COPPER (II) ION'
4 water water
#
_entity_poly.entity_id   1
_entity_poly.type   'polypeptide(L)'
_entity_poly.pdbx_seq_one_letter_code
;MDRRGFNRRVLLGGAAAATSLSIAPEVAGAAPAAKGITARTAPAGGEVRHLKMYAEKLADGQMGYGFEKGKASVPGPLIE
VNEGDTLHIEFTNTMDVRASLHVHGLDYEISSDGTAMNKSDVEPGGTRTYTWRTHKPGRRDDGTWRPGSAGYWHYHDHVV
GTEHGTGGIRNGLYGPVIVRRKGDVLPDATHTIVFNDFTINNRKPHTGPDFEATVGDRVEIVMITHGEYYHTFHMHGHRW
ADNRTGILTGPDDPSRVIDNKITGPADSFGFQIIAGEGVGAGAWMYHCHVQSHSDMGFVGLFLVKKPDGTIPGYEPHEHG
GATAKSGESGEPTGGAAAHEHEH
;
_entity_poly.pdbx_strand_id   A,C
#
loop_
_chem_comp.id
_chem_comp.type
_chem_comp.name
_chem_comp.formula
CU non-polymer 'COPPER (II) ION' 'Cu 2'
PG4 non-polymer 'TETRAETHYLENE GLYCOL' 'C8 H18 O5'
#
# COMPACT_ATOMS: atom_id res chain seq x y z
N THR A 38 7.85 -25.65 9.36
CA THR A 38 6.42 -25.59 9.07
C THR A 38 5.89 -24.14 9.10
N ALA A 39 6.72 -23.21 9.56
CA ALA A 39 6.49 -21.83 9.18
C ALA A 39 6.91 -21.67 7.72
N ARG A 40 6.37 -20.64 7.06
CA ARG A 40 6.77 -20.40 5.68
C ARG A 40 8.22 -19.92 5.63
N THR A 41 8.95 -20.36 4.60
CA THR A 41 10.36 -20.00 4.45
C THR A 41 10.66 -19.60 3.00
N ALA A 42 11.73 -18.81 2.83
CA ALA A 42 12.07 -18.30 1.51
C ALA A 42 12.63 -19.40 0.63
N PRO A 43 12.28 -19.42 -0.66
CA PRO A 43 12.84 -20.42 -1.59
C PRO A 43 14.20 -19.94 -2.11
N ALA A 44 14.83 -20.80 -2.90
CA ALA A 44 16.08 -20.42 -3.56
C ALA A 44 15.83 -19.30 -4.57
N GLY A 45 16.74 -18.32 -4.61
CA GLY A 45 16.59 -17.21 -5.52
C GLY A 45 17.26 -17.47 -6.87
N GLY A 46 17.28 -16.42 -7.69
CA GLY A 46 17.98 -16.49 -8.96
C GLY A 46 17.20 -16.00 -10.16
N GLU A 47 16.14 -15.21 -9.94
CA GLU A 47 15.35 -14.71 -11.05
C GLU A 47 15.70 -13.25 -11.35
N VAL A 48 15.47 -12.86 -12.61
CA VAL A 48 15.63 -11.48 -13.03
C VAL A 48 14.30 -10.77 -12.86
N ARG A 49 14.30 -9.66 -12.12
CA ARG A 49 13.10 -8.91 -11.83
C ARG A 49 13.20 -7.51 -12.40
N HIS A 50 12.06 -6.99 -12.83
CA HIS A 50 11.94 -5.65 -13.41
C HIS A 50 10.97 -4.83 -12.56
N LEU A 51 11.28 -3.58 -12.38
CA LEU A 51 10.42 -2.74 -11.54
C LEU A 51 10.54 -1.28 -11.96
N LYS A 52 9.48 -0.51 -11.82
CA LYS A 52 9.54 0.93 -12.13
C LYS A 52 9.50 1.71 -10.81
N MET A 53 10.28 2.78 -10.73
CA MET A 53 10.29 3.63 -9.55
C MET A 53 10.32 5.10 -9.97
N TYR A 54 9.72 5.94 -9.14
CA TYR A 54 9.64 7.36 -9.40
C TYR A 54 10.07 8.13 -8.15
N ALA A 55 10.75 9.25 -8.34
CA ALA A 55 10.92 10.23 -7.28
C ALA A 55 10.00 11.40 -7.61
N GLU A 56 9.21 11.82 -6.62
CA GLU A 56 8.22 12.88 -6.81
C GLU A 56 8.29 13.88 -5.67
N LYS A 57 8.07 15.15 -6.00
CA LYS A 57 7.79 16.16 -4.98
C LYS A 57 6.35 16.04 -4.55
N LEU A 58 6.11 16.05 -3.24
CA LEU A 58 4.78 15.92 -2.68
C LEU A 58 4.18 17.30 -2.42
N ALA A 59 2.85 17.34 -2.33
CA ALA A 59 2.14 18.61 -2.19
C ALA A 59 2.60 19.41 -0.97
N ASP A 60 2.99 18.73 0.11
CA ASP A 60 3.37 19.41 1.33
C ASP A 60 4.85 19.79 1.38
N GLY A 61 5.59 19.64 0.29
CA GLY A 61 7.00 19.97 0.27
C GLY A 61 7.93 18.80 0.53
N GLN A 62 7.41 17.65 0.93
CA GLN A 62 8.28 16.49 1.05
C GLN A 62 8.60 15.93 -0.33
N MET A 63 9.47 14.92 -0.34
CA MET A 63 9.85 14.18 -1.54
C MET A 63 9.75 12.70 -1.23
N GLY A 64 9.20 11.92 -2.14
CA GLY A 64 9.05 10.50 -1.89
C GLY A 64 9.28 9.67 -3.14
N TYR A 65 9.66 8.41 -2.90
CA TYR A 65 9.70 7.39 -3.93
C TYR A 65 8.38 6.63 -3.99
N GLY A 66 8.02 6.17 -5.19
CA GLY A 66 6.89 5.27 -5.35
C GLY A 66 7.07 4.34 -6.52
N PHE A 67 6.26 3.27 -6.55
CA PHE A 67 6.21 2.38 -7.72
C PHE A 67 5.30 2.92 -8.82
N GLU A 68 4.43 3.88 -8.52
CA GLU A 68 3.54 4.49 -9.49
C GLU A 68 3.53 6.00 -9.29
N LYS A 69 3.44 6.74 -10.39
CA LYS A 69 3.30 8.20 -10.31
C LYS A 69 2.05 8.56 -9.53
N GLY A 70 2.20 9.49 -8.60
CA GLY A 70 1.08 9.87 -7.75
C GLY A 70 0.92 9.02 -6.52
N LYS A 71 1.73 7.98 -6.34
CA LYS A 71 1.60 7.10 -5.18
C LYS A 71 2.93 6.97 -4.44
N ALA A 72 3.76 8.00 -4.47
CA ALA A 72 4.96 8.01 -3.65
C ALA A 72 4.57 8.01 -2.17
N SER A 73 5.46 7.47 -1.34
CA SER A 73 5.23 7.38 0.10
C SER A 73 6.53 7.67 0.84
N VAL A 74 6.41 8.03 2.11
CA VAL A 74 7.56 8.19 2.99
C VAL A 74 7.30 7.35 4.24
N PRO A 75 8.07 6.30 4.52
CA PRO A 75 9.17 5.77 3.71
C PRO A 75 8.69 5.25 2.36
N GLY A 76 9.63 5.13 1.43
CA GLY A 76 9.34 4.57 0.14
C GLY A 76 8.94 3.12 0.27
N PRO A 77 8.47 2.53 -0.84
CA PRO A 77 7.94 1.17 -0.78
C PRO A 77 9.03 0.14 -0.52
N LEU A 78 8.66 -0.93 0.18
CA LEU A 78 9.58 -2.02 0.43
C LEU A 78 9.92 -2.75 -0.86
N ILE A 79 11.21 -3.05 -1.03
CA ILE A 79 11.70 -3.92 -2.09
C ILE A 79 12.24 -5.17 -1.43
N GLU A 80 11.74 -6.34 -1.84
CA GLU A 80 12.10 -7.62 -1.21
C GLU A 80 12.46 -8.63 -2.28
N VAL A 81 13.67 -9.20 -2.20
CA VAL A 81 14.15 -10.19 -3.19
C VAL A 81 14.81 -11.35 -2.46
N ASN A 82 15.10 -12.41 -3.21
CA ASN A 82 15.82 -13.58 -2.73
C ASN A 82 17.27 -13.52 -3.21
N GLU A 83 18.19 -13.98 -2.37
CA GLU A 83 19.61 -14.07 -2.75
C GLU A 83 19.75 -14.76 -4.09
N GLY A 84 20.49 -14.13 -5.00
CA GLY A 84 20.65 -14.59 -6.36
C GLY A 84 19.85 -13.79 -7.36
N ASP A 85 18.76 -13.15 -6.93
CA ASP A 85 17.96 -12.35 -7.83
C ASP A 85 18.74 -11.14 -8.34
N THR A 86 18.39 -10.72 -9.55
CA THR A 86 18.82 -9.45 -10.13
C THR A 86 17.60 -8.55 -10.25
N LEU A 87 17.77 -7.26 -9.93
CA LEU A 87 16.68 -6.30 -10.01
C LEU A 87 17.08 -5.16 -10.94
N HIS A 88 16.30 -4.94 -12.01
CA HIS A 88 16.49 -3.81 -12.91
C HIS A 88 15.41 -2.77 -12.61
N ILE A 89 15.82 -1.62 -12.12
CA ILE A 89 14.89 -0.57 -11.70
C ILE A 89 14.88 0.52 -12.76
N GLU A 90 13.78 0.65 -13.49
CA GLU A 90 13.58 1.76 -14.42
C GLU A 90 13.14 2.97 -13.58
N PHE A 91 14.07 3.85 -13.27
CA PHE A 91 13.85 4.96 -12.35
C PHE A 91 13.62 6.26 -13.12
N THR A 92 12.55 6.98 -12.79
CA THR A 92 12.24 8.26 -13.40
C THR A 92 12.22 9.33 -12.32
N ASN A 93 12.98 10.40 -12.55
CA ASN A 93 13.00 11.57 -11.67
C ASN A 93 11.97 12.56 -12.21
N THR A 94 10.81 12.67 -11.54
CA THR A 94 9.80 13.61 -12.01
C THR A 94 9.94 15.01 -11.41
N MET A 95 10.97 15.24 -10.60
CA MET A 95 11.16 16.51 -9.91
C MET A 95 11.89 17.51 -10.80
N ASP A 96 12.02 18.74 -10.29
CA ASP A 96 12.70 19.81 -11.01
C ASP A 96 14.16 19.96 -10.60
N VAL A 97 14.67 19.09 -9.73
CA VAL A 97 16.08 19.06 -9.35
C VAL A 97 16.59 17.65 -9.59
N ARG A 98 17.92 17.53 -9.72
CA ARG A 98 18.54 16.22 -9.89
C ARG A 98 18.28 15.34 -8.67
N ALA A 99 18.15 14.03 -8.90
CA ALA A 99 17.90 13.07 -7.84
C ALA A 99 18.56 11.75 -8.21
N SER A 100 18.70 10.86 -7.23
CA SER A 100 19.31 9.57 -7.54
C SER A 100 18.74 8.49 -6.64
N LEU A 101 19.26 7.27 -6.84
CA LEU A 101 18.91 6.10 -6.06
C LEU A 101 20.21 5.39 -5.72
N HIS A 102 20.50 5.31 -4.43
CA HIS A 102 21.70 4.64 -3.92
C HIS A 102 21.24 3.58 -2.93
N VAL A 103 21.86 2.40 -2.97
CA VAL A 103 21.42 1.29 -2.13
C VAL A 103 22.59 0.82 -1.26
N HIS A 104 22.27 0.38 -0.04
CA HIS A 104 23.25 -0.28 0.81
C HIS A 104 23.21 -1.79 0.60
N GLY A 105 24.35 -2.44 0.79
CA GLY A 105 24.39 -3.90 0.90
C GLY A 105 24.41 -4.71 -0.38
N LEU A 106 23.56 -4.38 -1.33
CA LEU A 106 23.41 -5.19 -2.54
C LEU A 106 24.58 -4.93 -3.49
N ASP A 107 24.79 -5.84 -4.44
CA ASP A 107 25.85 -5.67 -5.43
C ASP A 107 25.37 -4.74 -6.52
N TYR A 108 26.15 -3.69 -6.81
CA TYR A 108 25.89 -2.81 -7.93
C TYR A 108 27.23 -2.42 -8.54
N GLU A 109 27.28 -2.33 -9.86
CA GLU A 109 28.46 -1.77 -10.50
C GLU A 109 28.49 -0.26 -10.28
N ILE A 110 29.64 0.34 -10.58
CA ILE A 110 29.85 1.75 -10.24
C ILE A 110 28.86 2.64 -10.99
N SER A 111 28.40 2.20 -12.16
CA SER A 111 27.40 2.94 -12.91
C SER A 111 26.02 2.97 -12.24
N SER A 112 25.79 2.18 -11.19
CA SER A 112 24.56 2.29 -10.41
C SER A 112 24.85 2.76 -8.99
N ASP A 113 25.95 3.49 -8.84
CA ASP A 113 26.37 4.11 -7.56
C ASP A 113 25.33 5.10 -7.05
N GLY A 114 24.62 5.77 -7.94
CA GLY A 114 23.71 6.82 -7.52
C GLY A 114 24.36 8.12 -7.09
N THR A 115 25.65 8.34 -7.40
CA THR A 115 26.34 9.55 -7.00
C THR A 115 26.63 10.43 -8.21
N ALA A 116 26.73 11.75 -7.97
CA ALA A 116 27.14 12.66 -9.02
C ALA A 116 28.58 12.41 -9.45
N MET A 117 29.45 12.03 -8.50
CA MET A 117 30.85 11.84 -8.83
C MET A 117 31.04 10.80 -9.92
N ASN A 118 30.28 9.71 -9.85
CA ASN A 118 30.36 8.65 -10.85
C ASN A 118 29.28 8.78 -11.92
N LYS A 119 28.73 9.99 -12.08
CA LYS A 119 27.78 10.34 -13.14
C LYS A 119 26.60 9.37 -13.17
N SER A 120 26.07 9.11 -11.97
CA SER A 120 25.08 8.07 -11.76
C SER A 120 23.77 8.63 -11.22
N ASP A 121 23.61 9.96 -11.19
CA ASP A 121 22.34 10.56 -10.79
C ASP A 121 21.51 10.87 -12.04
N VAL A 122 20.36 11.52 -11.86
CA VAL A 122 19.36 11.64 -12.92
C VAL A 122 18.89 13.08 -13.02
N GLU A 123 18.94 13.64 -14.23
CA GLU A 123 18.52 15.01 -14.44
C GLU A 123 17.01 15.14 -14.24
N PRO A 124 16.52 16.37 -13.99
CA PRO A 124 15.07 16.57 -13.88
C PRO A 124 14.31 16.02 -15.08
N GLY A 125 13.27 15.25 -14.80
CA GLY A 125 12.50 14.61 -15.86
C GLY A 125 13.16 13.41 -16.51
N GLY A 126 14.39 13.05 -16.10
CA GLY A 126 15.10 11.99 -16.76
C GLY A 126 14.72 10.60 -16.28
N THR A 127 15.24 9.60 -16.99
CA THR A 127 15.08 8.19 -16.65
C THR A 127 16.44 7.50 -16.73
N ARG A 128 16.64 6.53 -15.83
CA ARG A 128 17.86 5.75 -15.80
C ARG A 128 17.52 4.38 -15.25
N THR A 129 18.14 3.33 -15.80
CA THR A 129 17.97 1.98 -15.25
C THR A 129 19.11 1.68 -14.30
N TYR A 130 18.77 1.53 -13.03
CA TYR A 130 19.70 1.06 -12.01
C TYR A 130 19.60 -0.46 -11.89
N THR A 131 20.73 -1.14 -11.76
CA THR A 131 20.73 -2.59 -11.61
C THR A 131 21.34 -2.95 -10.26
N TRP A 132 20.60 -3.70 -9.46
CA TRP A 132 21.07 -4.26 -8.21
C TRP A 132 21.11 -5.77 -8.35
N ARG A 133 22.23 -6.37 -7.98
CA ARG A 133 22.38 -7.81 -7.98
C ARG A 133 22.57 -8.30 -6.55
N THR A 134 22.32 -9.59 -6.35
CA THR A 134 22.53 -10.24 -5.07
C THR A 134 23.16 -11.60 -5.32
N HIS A 135 23.89 -12.11 -4.32
CA HIS A 135 24.51 -13.41 -4.47
C HIS A 135 24.27 -14.25 -3.22
N LYS A 136 24.30 -15.57 -3.40
CA LYS A 136 24.26 -16.53 -2.32
C LYS A 136 25.64 -16.66 -1.69
N PRO A 137 25.73 -17.07 -0.43
CA PRO A 137 27.04 -17.33 0.15
C PRO A 137 27.65 -18.59 -0.45
N GLY A 138 28.95 -18.75 -0.30
CA GLY A 138 29.58 -19.95 -0.83
C GLY A 138 31.08 -19.94 -0.67
N ARG A 139 31.66 -21.11 -0.91
CA ARG A 139 33.09 -21.33 -0.74
C ARG A 139 33.84 -20.72 -1.92
N ARG A 140 34.86 -19.89 -1.63
CA ARG A 140 35.69 -19.38 -2.71
C ARG A 140 36.75 -20.43 -3.09
N ASP A 141 37.42 -20.17 -4.21
CA ASP A 141 38.50 -21.04 -4.65
C ASP A 141 39.64 -21.10 -3.64
N ASP A 142 39.90 -20.00 -2.90
CA ASP A 142 40.99 -19.99 -1.92
C ASP A 142 40.60 -20.64 -0.59
N GLY A 143 39.42 -21.28 -0.52
CA GLY A 143 38.95 -21.91 0.71
C GLY A 143 38.18 -21.02 1.67
N THR A 144 38.12 -19.72 1.42
CA THR A 144 37.41 -18.84 2.33
C THR A 144 35.91 -18.84 2.00
N TRP A 145 35.12 -18.20 2.85
CA TRP A 145 33.66 -18.21 2.73
C TRP A 145 33.18 -16.84 2.29
N ARG A 146 32.57 -16.76 1.12
CA ARG A 146 32.02 -15.49 0.67
C ARG A 146 30.66 -15.26 1.31
N PRO A 147 30.44 -14.15 2.00
CA PRO A 147 29.13 -13.91 2.60
C PRO A 147 28.11 -13.55 1.52
N GLY A 148 26.88 -13.95 1.76
CA GLY A 148 25.81 -13.62 0.84
C GLY A 148 25.29 -12.21 1.05
N SER A 149 24.35 -11.81 0.18
CA SER A 149 23.73 -10.49 0.22
C SER A 149 22.64 -10.37 1.28
N ALA A 150 22.21 -11.48 1.87
CA ALA A 150 21.01 -11.47 2.69
C ALA A 150 21.12 -10.48 3.84
N GLY A 151 20.02 -9.78 4.11
CA GLY A 151 19.97 -8.89 5.25
C GLY A 151 18.91 -7.82 5.10
N TYR A 152 18.87 -6.95 6.10
CA TYR A 152 18.00 -5.79 6.12
C TYR A 152 18.79 -4.57 5.67
N TRP A 153 18.39 -3.99 4.54
CA TRP A 153 19.13 -2.93 3.89
C TRP A 153 18.19 -1.77 3.57
N HIS A 154 18.63 -0.81 2.75
CA HIS A 154 17.82 0.37 2.48
C HIS A 154 18.39 1.12 1.30
N TYR A 155 17.54 1.95 0.69
CA TYR A 155 17.93 2.83 -0.43
C TYR A 155 17.57 4.27 -0.09
N HIS A 156 18.30 5.22 -0.68
CA HIS A 156 18.02 6.63 -0.45
C HIS A 156 18.67 7.47 -1.53
N ASP A 157 18.29 8.75 -1.55
CA ASP A 157 18.86 9.70 -2.50
C ASP A 157 20.26 10.12 -2.07
N HIS A 158 21.09 10.46 -3.07
CA HIS A 158 22.47 10.85 -2.81
C HIS A 158 22.84 12.22 -3.38
N VAL A 159 21.89 12.98 -3.95
CA VAL A 159 22.28 14.24 -4.57
C VAL A 159 21.37 15.43 -4.28
N VAL A 160 20.22 15.23 -3.62
CA VAL A 160 19.34 16.37 -3.35
C VAL A 160 19.88 17.17 -2.17
N GLY A 161 20.09 18.47 -2.39
CA GLY A 161 20.53 19.36 -1.34
C GLY A 161 22.04 19.42 -1.20
N THR A 162 22.69 18.27 -1.04
CA THR A 162 24.14 18.18 -1.01
C THR A 162 24.55 16.93 -1.79
N GLU A 163 25.86 16.78 -1.98
CA GLU A 163 26.44 15.64 -2.67
C GLU A 163 26.34 14.34 -1.89
N HIS A 164 25.79 14.38 -0.67
CA HIS A 164 25.49 13.18 0.10
C HIS A 164 23.99 13.04 0.38
N GLY A 165 23.16 13.77 -0.36
CA GLY A 165 21.72 13.60 -0.27
C GLY A 165 21.07 14.12 0.99
N THR A 166 21.73 15.03 1.72
CA THR A 166 21.19 15.48 3.00
C THR A 166 19.77 16.02 2.87
N GLY A 167 19.53 16.84 1.83
CA GLY A 167 18.18 17.39 1.65
C GLY A 167 17.18 16.34 1.20
N GLY A 168 17.57 15.45 0.29
CA GLY A 168 16.65 14.41 -0.15
C GLY A 168 16.24 13.48 0.97
N ILE A 169 17.22 13.02 1.75
CA ILE A 169 16.95 12.19 2.93
C ILE A 169 16.03 12.91 3.89
N ARG A 170 16.33 14.17 4.20
CA ARG A 170 15.50 14.93 5.14
C ARG A 170 14.07 15.06 4.62
N ASN A 171 13.91 15.22 3.30
CA ASN A 171 12.60 15.42 2.70
C ASN A 171 11.80 14.13 2.57
N GLY A 172 12.43 12.96 2.67
CA GLY A 172 11.71 11.70 2.67
C GLY A 172 12.15 10.65 1.66
N LEU A 173 13.24 10.90 0.91
CA LEU A 173 13.69 9.97 -0.13
C LEU A 173 14.53 8.86 0.51
N TYR A 174 13.84 7.91 1.14
CA TYR A 174 14.48 6.74 1.74
C TYR A 174 13.45 5.61 1.78
N GLY A 175 13.93 4.37 1.75
CA GLY A 175 13.04 3.23 1.83
C GLY A 175 13.79 1.95 2.13
N PRO A 176 13.07 0.88 2.51
CA PRO A 176 13.71 -0.36 2.94
C PRO A 176 13.90 -1.38 1.82
N VAL A 177 14.93 -2.22 2.00
CA VAL A 177 15.21 -3.35 1.12
C VAL A 177 15.47 -4.58 1.99
N ILE A 178 14.83 -5.70 1.65
CA ILE A 178 15.08 -6.96 2.33
C ILE A 178 15.60 -7.98 1.32
N VAL A 179 16.69 -8.65 1.65
CA VAL A 179 17.21 -9.77 0.84
C VAL A 179 17.11 -11.02 1.70
N ARG A 180 16.36 -12.02 1.22
CA ARG A 180 16.15 -13.27 1.95
C ARG A 180 17.15 -14.32 1.52
N ARG A 181 17.65 -15.08 2.49
CA ARG A 181 18.39 -16.32 2.24
C ARG A 181 17.41 -17.48 2.15
N LYS A 182 17.73 -18.46 1.32
CA LYS A 182 16.91 -19.67 1.24
C LYS A 182 16.74 -20.26 2.63
N GLY A 183 15.49 -20.54 3.00
CA GLY A 183 15.19 -21.08 4.31
C GLY A 183 14.90 -20.05 5.40
N ASP A 184 15.10 -18.76 5.12
CA ASP A 184 14.74 -17.71 6.10
C ASP A 184 13.24 -17.78 6.40
N VAL A 185 12.88 -17.58 7.67
CA VAL A 185 11.47 -17.53 8.05
C VAL A 185 10.82 -16.26 7.51
N LEU A 186 9.62 -16.40 6.95
CA LEU A 186 8.84 -15.30 6.38
C LEU A 186 7.74 -14.85 7.35
N PRO A 187 7.45 -13.56 7.43
CA PRO A 187 6.52 -13.05 8.42
C PRO A 187 5.09 -12.96 7.88
N ASP A 188 4.15 -12.73 8.80
CA ASP A 188 2.79 -12.38 8.39
C ASP A 188 2.75 -10.98 7.77
N ALA A 189 3.59 -10.06 8.27
CA ALA A 189 3.56 -8.68 7.81
C ALA A 189 4.87 -8.00 8.19
N THR A 190 5.25 -6.99 7.40
CA THR A 190 6.49 -6.24 7.61
C THR A 190 6.19 -4.75 7.75
N HIS A 191 6.71 -4.14 8.81
CA HIS A 191 6.53 -2.72 9.08
C HIS A 191 7.90 -2.03 9.09
N THR A 192 7.96 -0.84 8.51
CA THR A 192 9.21 -0.11 8.42
C THR A 192 9.19 1.09 9.36
N ILE A 193 10.19 1.18 10.22
CA ILE A 193 10.33 2.27 11.19
C ILE A 193 11.65 2.96 10.91
N VAL A 194 11.58 4.25 10.53
CA VAL A 194 12.77 5.03 10.22
C VAL A 194 12.89 6.18 11.21
N PHE A 195 14.00 6.21 11.96
CA PHE A 195 14.34 7.37 12.79
C PHE A 195 15.08 8.35 11.89
N ASN A 196 14.39 9.39 11.44
CA ASN A 196 14.99 10.40 10.54
C ASN A 196 15.10 11.71 11.29
N ASP A 197 16.34 12.10 11.62
CA ASP A 197 16.61 13.18 12.57
C ASP A 197 15.77 12.94 13.82
N PHE A 198 14.89 13.86 14.21
CA PHE A 198 14.07 13.60 15.39
C PHE A 198 12.78 12.83 15.10
N THR A 199 12.38 12.70 13.83
CA THR A 199 11.06 12.18 13.49
C THR A 199 11.08 10.65 13.40
N ILE A 200 9.89 10.07 13.39
CA ILE A 200 9.68 8.70 12.95
C ILE A 200 8.94 8.76 11.62
N ASN A 201 9.58 8.27 10.55
CA ASN A 201 8.94 8.24 9.22
C ASN A 201 8.49 9.63 8.78
N ASN A 202 9.20 10.68 9.20
CA ASN A 202 8.93 12.07 8.84
C ASN A 202 7.61 12.59 9.43
N ARG A 203 7.02 11.89 10.39
CA ARG A 203 5.75 12.32 10.97
C ARG A 203 5.97 13.30 12.12
N LYS A 204 4.98 14.15 12.36
CA LYS A 204 5.04 15.11 13.44
C LYS A 204 4.94 14.40 14.80
N PRO A 205 5.37 15.06 15.88
CA PRO A 205 5.20 14.46 17.22
C PRO A 205 3.75 14.14 17.50
N HIS A 206 3.55 13.09 18.31
CA HIS A 206 2.23 12.64 18.77
C HIS A 206 1.35 12.13 17.64
N THR A 207 1.92 11.72 16.51
CA THR A 207 1.09 11.21 15.42
C THR A 207 1.53 9.80 15.00
N GLY A 208 2.21 9.08 15.88
CA GLY A 208 2.62 7.73 15.58
C GLY A 208 3.90 7.70 14.76
N PRO A 209 4.01 6.75 13.82
CA PRO A 209 2.96 5.83 13.34
C PRO A 209 2.67 4.68 14.29
N ASP A 210 1.42 4.22 14.29
CA ASP A 210 1.02 3.00 14.98
C ASP A 210 0.93 1.84 13.99
N PHE A 211 1.16 0.63 14.50
CA PHE A 211 1.00 -0.60 13.74
C PHE A 211 0.12 -1.56 14.54
N GLU A 212 -0.68 -2.37 13.85
CA GLU A 212 -1.62 -3.27 14.51
C GLU A 212 -1.30 -4.72 14.21
N ALA A 213 -1.60 -5.59 15.18
CA ALA A 213 -1.44 -7.03 15.01
C ALA A 213 -2.42 -7.72 15.95
N THR A 214 -2.65 -9.00 15.69
CA THR A 214 -3.39 -9.86 16.61
C THR A 214 -2.40 -10.74 17.37
N VAL A 215 -2.70 -10.99 18.65
CA VAL A 215 -1.88 -11.89 19.47
C VAL A 215 -1.53 -13.12 18.66
N GLY A 216 -0.24 -13.43 18.56
CA GLY A 216 0.23 -14.59 17.86
C GLY A 216 0.77 -14.34 16.46
N ASP A 217 0.47 -13.19 15.84
CA ASP A 217 1.00 -12.87 14.52
C ASP A 217 2.53 -12.85 14.54
N ARG A 218 3.15 -13.30 13.45
CA ARG A 218 4.60 -13.16 13.27
C ARG A 218 4.85 -11.82 12.56
N VAL A 219 5.42 -10.86 13.28
CA VAL A 219 5.55 -9.49 12.80
C VAL A 219 7.02 -9.18 12.57
N GLU A 220 7.34 -8.64 11.40
CA GLU A 220 8.70 -8.26 11.04
C GLU A 220 8.86 -6.74 11.10
N ILE A 221 9.96 -6.28 11.66
CA ILE A 221 10.29 -4.86 11.76
C ILE A 221 11.59 -4.63 11.00
N VAL A 222 11.60 -3.66 10.08
CA VAL A 222 12.82 -3.13 9.46
C VAL A 222 13.08 -1.77 10.08
N MET A 223 14.26 -1.59 10.67
CA MET A 223 14.58 -0.42 11.47
C MET A 223 15.77 0.30 10.84
N ILE A 224 15.54 1.51 10.33
CA ILE A 224 16.53 2.31 9.61
C ILE A 224 16.68 3.64 10.34
N THR A 225 17.91 4.17 10.35
CA THR A 225 18.19 5.47 10.95
C THR A 225 18.82 6.39 9.92
N HIS A 226 18.46 7.67 9.95
CA HIS A 226 19.01 8.65 9.00
C HIS A 226 19.26 9.98 9.69
N GLY A 227 20.17 10.76 9.10
CA GLY A 227 20.30 12.15 9.46
C GLY A 227 21.53 12.51 10.26
N GLU A 228 21.32 13.19 11.38
CA GLU A 228 22.38 13.82 12.15
C GLU A 228 22.67 13.15 13.50
N TYR A 229 21.72 12.43 14.09
CA TYR A 229 21.79 12.04 15.48
C TYR A 229 21.88 10.53 15.66
N TYR A 230 22.48 10.10 16.77
CA TYR A 230 22.35 8.73 17.22
C TYR A 230 21.02 8.58 17.97
N HIS A 231 20.51 7.35 18.02
CA HIS A 231 19.25 7.02 18.68
C HIS A 231 19.40 5.69 19.39
N THR A 232 18.44 5.36 20.27
CA THR A 232 18.30 4.01 20.83
C THR A 232 16.86 3.55 20.62
N PHE A 233 16.66 2.58 19.73
CA PHE A 233 15.34 2.03 19.46
C PHE A 233 14.94 1.09 20.59
N HIS A 234 13.76 1.32 21.20
CA HIS A 234 13.26 0.48 22.28
C HIS A 234 11.83 0.06 21.99
N MET A 235 11.50 -1.20 22.29
CA MET A 235 10.16 -1.73 22.12
C MET A 235 9.69 -2.37 23.42
N HIS A 236 8.55 -1.93 23.94
CA HIS A 236 8.00 -2.54 25.14
C HIS A 236 7.45 -3.93 24.85
N GLY A 237 7.58 -4.82 25.84
CA GLY A 237 6.89 -6.10 25.81
C GLY A 237 7.45 -7.16 24.88
N HIS A 238 8.48 -6.85 24.11
CA HIS A 238 9.02 -7.77 23.10
C HIS A 238 10.53 -7.63 23.05
N ARG A 239 11.21 -8.65 22.51
CA ARG A 239 12.67 -8.67 22.45
C ARG A 239 13.08 -9.49 21.23
N TRP A 240 14.35 -9.35 20.82
CA TRP A 240 14.85 -10.03 19.64
C TRP A 240 16.34 -10.25 19.79
N ALA A 241 16.93 -11.01 18.85
CA ALA A 241 18.36 -11.32 18.89
C ALA A 241 19.15 -10.32 18.07
N ASP A 242 20.32 -9.91 18.58
CA ASP A 242 21.14 -8.94 17.87
C ASP A 242 22.07 -9.67 16.90
N ASN A 243 21.49 -10.13 15.79
CA ASN A 243 22.24 -10.85 14.76
C ASN A 243 21.59 -10.55 13.42
N ARG A 244 21.93 -11.33 12.38
CA ARG A 244 21.46 -10.98 11.03
C ARG A 244 19.94 -10.93 10.96
N THR A 245 19.26 -12.00 11.38
CA THR A 245 17.81 -12.10 11.21
C THR A 245 17.01 -11.60 12.40
N GLY A 246 17.66 -11.25 13.51
CA GLY A 246 16.91 -10.94 14.72
C GLY A 246 16.30 -12.14 15.39
N ILE A 247 16.62 -13.35 14.94
CA ILE A 247 16.05 -14.59 15.43
C ILE A 247 17.20 -15.54 15.77
N LEU A 248 17.07 -16.27 16.87
CA LEU A 248 18.06 -17.30 17.17
C LEU A 248 17.72 -18.58 16.43
N THR A 249 18.73 -19.20 15.83
CA THR A 249 18.47 -20.44 15.09
C THR A 249 18.24 -21.63 16.03
N GLY A 250 18.88 -21.62 17.20
CA GLY A 250 18.78 -22.69 18.15
C GLY A 250 19.60 -22.36 19.37
N PRO A 251 19.88 -23.38 20.20
CA PRO A 251 20.54 -23.11 21.49
C PRO A 251 22.01 -22.76 21.39
N ASP A 252 22.66 -22.89 20.23
CA ASP A 252 24.08 -22.65 20.12
C ASP A 252 24.44 -21.21 19.76
N ASP A 253 23.46 -20.36 19.49
CA ASP A 253 23.73 -18.98 19.05
C ASP A 253 23.93 -18.10 20.28
N PRO A 254 25.13 -17.55 20.51
CA PRO A 254 25.39 -16.75 21.72
C PRO A 254 25.01 -15.27 21.61
N SER A 255 24.31 -14.86 20.55
CA SER A 255 23.99 -13.45 20.35
C SER A 255 23.19 -12.89 21.53
N ARG A 256 23.44 -11.63 21.85
CA ARG A 256 22.67 -10.97 22.91
C ARG A 256 21.20 -10.86 22.50
N VAL A 257 20.30 -11.14 23.45
CA VAL A 257 18.88 -10.89 23.28
C VAL A 257 18.57 -9.55 23.94
N ILE A 258 17.91 -8.65 23.20
CA ILE A 258 17.84 -7.24 23.55
C ILE A 258 16.43 -6.71 23.31
N ASP A 259 16.13 -5.57 23.93
CA ASP A 259 14.94 -4.80 23.57
C ASP A 259 15.28 -3.33 23.34
N ASN A 260 16.57 -3.00 23.21
CA ASN A 260 17.07 -1.63 23.15
C ASN A 260 18.35 -1.66 22.32
N LYS A 261 18.49 -0.79 21.32
CA LYS A 261 19.64 -0.89 20.42
C LYS A 261 20.08 0.49 19.94
N ILE A 262 21.36 0.83 20.13
CA ILE A 262 21.86 2.12 19.65
C ILE A 262 22.04 2.07 18.14
N THR A 263 21.65 3.15 17.46
CA THR A 263 21.77 3.26 16.01
C THR A 263 22.28 4.63 15.63
N GLY A 264 22.87 4.70 14.44
CA GLY A 264 23.33 5.94 13.88
C GLY A 264 22.92 6.07 12.42
N PRO A 265 23.18 7.23 11.83
CA PRO A 265 22.77 7.46 10.43
C PRO A 265 23.25 6.38 9.47
N ALA A 266 22.29 5.89 8.68
CA ALA A 266 22.33 4.82 7.67
C ALA A 266 22.52 3.41 8.25
N ASP A 267 22.39 3.22 9.55
CA ASP A 267 22.29 1.89 10.12
C ASP A 267 20.97 1.25 9.71
N SER A 268 20.99 -0.06 9.47
CA SER A 268 19.75 -0.80 9.27
C SER A 268 19.88 -2.16 9.93
N PHE A 269 18.79 -2.59 10.57
CA PHE A 269 18.69 -3.94 11.08
C PHE A 269 17.22 -4.32 11.02
N GLY A 270 16.94 -5.61 11.26
CA GLY A 270 15.58 -6.06 11.29
C GLY A 270 15.44 -7.27 12.18
N PHE A 271 14.18 -7.62 12.46
CA PHE A 271 13.92 -8.75 13.34
C PHE A 271 12.46 -9.15 13.17
N GLN A 272 12.12 -10.31 13.74
CA GLN A 272 10.75 -10.78 13.82
C GLN A 272 10.40 -11.09 15.26
N ILE A 273 9.16 -10.82 15.65
CA ILE A 273 8.64 -11.13 16.97
C ILE A 273 7.29 -11.81 16.79
N ILE A 274 6.88 -12.56 17.81
CA ILE A 274 5.52 -13.07 17.88
C ILE A 274 4.73 -12.09 18.74
N ALA A 275 3.74 -11.43 18.14
CA ALA A 275 3.00 -10.36 18.81
C ALA A 275 2.36 -10.87 20.09
N GLY A 276 2.67 -10.22 21.21
CA GLY A 276 2.08 -10.59 22.48
C GLY A 276 2.63 -11.85 23.13
N GLU A 277 3.68 -12.44 22.57
CA GLU A 277 4.16 -13.74 23.06
C GLU A 277 4.59 -13.63 24.52
N GLY A 278 3.96 -14.42 25.39
CA GLY A 278 4.25 -14.40 26.81
C GLY A 278 3.81 -13.15 27.55
N VAL A 279 3.20 -12.17 26.88
CA VAL A 279 2.85 -10.91 27.50
C VAL A 279 1.40 -10.48 27.26
N GLY A 280 0.74 -10.98 26.20
CA GLY A 280 -0.68 -10.72 26.00
C GLY A 280 -0.95 -9.50 25.12
N ALA A 281 -2.24 -9.24 24.92
CA ALA A 281 -2.64 -8.08 24.14
C ALA A 281 -2.30 -6.78 24.88
N GLY A 282 -2.18 -5.70 24.12
CA GLY A 282 -1.84 -4.43 24.73
C GLY A 282 -1.38 -3.36 23.74
N ALA A 283 -1.39 -2.10 24.19
CA ALA A 283 -0.82 -1.01 23.41
C ALA A 283 0.63 -0.89 23.85
N TRP A 284 1.52 -1.56 23.12
CA TRP A 284 2.94 -1.66 23.44
C TRP A 284 3.72 -0.53 22.78
N MET A 285 4.26 0.37 23.58
CA MET A 285 4.98 1.52 23.03
C MET A 285 6.27 1.08 22.37
N TYR A 286 6.67 1.82 21.33
CA TYR A 286 8.03 1.82 20.86
C TYR A 286 8.45 3.27 20.68
N HIS A 287 9.73 3.55 20.89
CA HIS A 287 10.20 4.93 20.84
C HIS A 287 11.72 4.93 20.93
N CYS A 288 12.31 6.09 20.62
CA CYS A 288 13.71 6.29 20.96
C CYS A 288 13.84 6.50 22.46
N HIS A 289 14.85 5.89 23.08
CA HIS A 289 14.99 6.00 24.52
C HIS A 289 15.90 7.15 24.96
N VAL A 290 16.50 7.89 24.02
CA VAL A 290 17.18 9.14 24.38
C VAL A 290 16.14 10.06 25.00
N GLN A 291 16.38 10.54 26.22
CA GLN A 291 15.28 11.10 26.99
C GLN A 291 14.71 12.36 26.35
N SER A 292 15.56 13.25 25.81
CA SER A 292 14.99 14.44 25.18
C SER A 292 14.20 14.10 23.92
N HIS A 293 14.57 13.01 23.23
CA HIS A 293 13.87 12.62 22.01
C HIS A 293 12.47 12.11 22.31
N SER A 294 12.36 11.17 23.26
CA SER A 294 11.03 10.68 23.64
C SER A 294 10.21 11.80 24.26
N ASP A 295 10.83 12.71 25.01
CA ASP A 295 10.09 13.81 25.60
C ASP A 295 9.53 14.77 24.55
N MET A 296 10.06 14.75 23.32
CA MET A 296 9.50 15.56 22.24
C MET A 296 8.18 15.00 21.73
N GLY A 297 7.86 13.75 22.05
CA GLY A 297 6.58 13.19 21.67
C GLY A 297 6.60 12.32 20.44
N PHE A 298 7.78 12.02 19.89
CA PHE A 298 7.90 11.06 18.80
C PHE A 298 7.86 9.67 19.40
N VAL A 299 6.68 9.05 19.34
CA VAL A 299 6.45 7.73 19.90
C VAL A 299 5.41 7.07 19.02
N GLY A 300 5.41 5.73 19.01
CA GLY A 300 4.37 4.99 18.32
C GLY A 300 3.89 3.85 19.20
N LEU A 301 2.81 3.22 18.75
CA LEU A 301 2.21 2.11 19.47
C LEU A 301 2.16 0.89 18.56
N PHE A 302 2.58 -0.25 19.11
CA PHE A 302 2.37 -1.57 18.54
C PHE A 302 1.08 -2.09 19.19
N LEU A 303 -0.04 -1.96 18.48
CA LEU A 303 -1.36 -2.26 19.03
C LEU A 303 -1.67 -3.74 18.82
N VAL A 304 -1.49 -4.54 19.86
CA VAL A 304 -1.67 -5.99 19.77
C VAL A 304 -3.04 -6.33 20.33
N LYS A 305 -3.91 -6.88 19.48
CA LYS A 305 -5.33 -7.08 19.78
C LYS A 305 -5.65 -8.54 20.09
N LYS A 306 -6.69 -8.74 20.89
CA LYS A 306 -7.37 -10.03 20.94
C LYS A 306 -8.13 -10.24 19.63
N PRO A 307 -8.62 -11.47 19.37
CA PRO A 307 -9.46 -11.66 18.16
C PRO A 307 -10.67 -10.74 18.09
N ASP A 308 -11.27 -10.41 19.24
CA ASP A 308 -12.40 -9.48 19.18
C ASP A 308 -11.96 -8.04 18.98
N GLY A 309 -10.68 -7.80 18.70
CA GLY A 309 -10.22 -6.46 18.42
C GLY A 309 -9.96 -5.60 19.64
N THR A 310 -10.25 -6.09 20.84
CA THR A 310 -10.04 -5.24 22.00
C THR A 310 -8.60 -5.31 22.47
N ILE A 311 -8.21 -4.29 23.24
CA ILE A 311 -6.85 -4.13 23.72
C ILE A 311 -6.95 -3.74 25.19
N PRO A 312 -6.44 -4.55 26.13
CA PRO A 312 -6.61 -4.23 27.55
C PRO A 312 -5.94 -2.91 27.90
N GLY A 313 -6.67 -2.05 28.60
CA GLY A 313 -6.14 -0.77 29.02
C GLY A 313 -6.06 0.27 27.94
N TYR A 314 -6.54 -0.01 26.73
CA TYR A 314 -6.53 0.93 25.62
C TYR A 314 -7.97 1.24 25.24
N GLU A 315 -8.40 2.47 25.48
CA GLU A 315 -9.70 2.93 25.00
C GLU A 315 -9.48 3.78 23.77
N PRO A 316 -9.99 3.37 22.60
CA PRO A 316 -9.70 4.13 21.37
C PRO A 316 -10.18 5.57 21.43
N HIS A 317 -11.25 5.86 22.17
CA HIS A 317 -11.76 7.23 22.22
C HIS A 317 -10.85 8.16 23.03
N GLU A 318 -10.00 7.61 23.91
CA GLU A 318 -9.01 8.42 24.61
C GLU A 318 -7.76 8.67 23.78
N HIS A 319 -7.66 8.05 22.60
CA HIS A 319 -6.55 8.28 21.69
C HIS A 319 -7.07 8.90 20.40
N THR B 38 -0.22 3.35 -28.21
CA THR B 38 1.09 3.67 -27.63
C THR B 38 0.99 4.05 -26.15
N ALA B 39 -0.23 4.21 -25.65
CA ALA B 39 -0.41 4.08 -24.22
C ALA B 39 -0.39 2.59 -23.87
N ARG B 40 -0.08 2.28 -22.61
CA ARG B 40 -0.08 0.88 -22.20
C ARG B 40 -1.52 0.34 -22.21
N THR B 41 -1.67 -0.92 -22.65
CA THR B 41 -2.98 -1.56 -22.72
C THR B 41 -2.92 -2.97 -22.13
N ALA B 42 -4.09 -3.48 -21.69
CA ALA B 42 -4.18 -4.79 -21.03
C ALA B 42 -3.95 -5.91 -22.04
N PRO B 43 -3.24 -6.96 -21.65
CA PRO B 43 -3.07 -8.13 -22.53
C PRO B 43 -4.26 -9.07 -22.42
N ALA B 44 -4.26 -10.10 -23.25
CA ALA B 44 -5.28 -11.14 -23.16
C ALA B 44 -5.16 -11.90 -21.84
N GLY B 45 -6.30 -12.19 -21.22
CA GLY B 45 -6.31 -12.87 -19.95
C GLY B 45 -6.36 -14.38 -20.09
N GLY B 46 -6.49 -15.05 -18.95
CA GLY B 46 -6.67 -16.50 -18.96
C GLY B 46 -5.79 -17.26 -17.99
N GLU B 47 -5.22 -16.59 -16.99
CA GLU B 47 -4.39 -17.28 -16.02
C GLU B 47 -5.15 -17.54 -14.73
N VAL B 48 -4.70 -18.56 -14.02
CA VAL B 48 -5.22 -18.90 -12.71
C VAL B 48 -4.38 -18.20 -11.65
N ARG B 49 -5.03 -17.42 -10.79
CA ARG B 49 -4.35 -16.63 -9.78
C ARG B 49 -4.78 -17.06 -8.40
N HIS B 50 -3.85 -16.98 -7.47
CA HIS B 50 -4.07 -17.35 -6.06
C HIS B 50 -3.80 -16.13 -5.18
N LEU B 51 -4.59 -15.97 -4.16
CA LEU B 51 -4.42 -14.79 -3.30
C LEU B 51 -4.95 -15.10 -1.90
N LYS B 52 -4.35 -14.50 -0.89
CA LYS B 52 -4.84 -14.68 0.50
C LYS B 52 -5.52 -13.37 0.94
N MET B 53 -6.62 -13.48 1.66
CA MET B 53 -7.32 -12.32 2.20
C MET B 53 -7.76 -12.61 3.61
N TYR B 54 -7.80 -11.54 4.41
CA TYR B 54 -8.19 -11.63 5.81
C TYR B 54 -9.24 -10.57 6.11
N ALA B 55 -10.18 -10.90 6.96
CA ALA B 55 -11.03 -9.90 7.59
C ALA B 55 -10.57 -9.74 9.04
N GLU B 56 -10.36 -8.50 9.47
CA GLU B 56 -9.83 -8.19 10.80
C GLU B 56 -10.62 -7.08 11.45
N LYS B 57 -10.82 -7.18 12.76
CA LYS B 57 -11.27 -6.05 13.55
C LYS B 57 -10.09 -5.12 13.80
N LEU B 58 -10.30 -3.82 13.60
CA LEU B 58 -9.26 -2.82 13.79
C LEU B 58 -9.33 -2.23 15.18
N ALA B 59 -8.21 -1.64 15.62
CA ALA B 59 -8.12 -1.15 16.99
C ALA B 59 -9.20 -0.12 17.31
N ASP B 60 -9.62 0.69 16.33
CA ASP B 60 -10.62 1.72 16.58
C ASP B 60 -12.05 1.24 16.45
N GLY B 61 -12.30 -0.05 16.29
CA GLY B 61 -13.65 -0.56 16.15
C GLY B 61 -14.11 -0.76 14.72
N GLN B 62 -13.36 -0.32 13.73
CA GLN B 62 -13.71 -0.62 12.36
C GLN B 62 -13.35 -2.07 12.02
N MET B 63 -13.74 -2.49 10.83
CA MET B 63 -13.40 -3.80 10.30
C MET B 63 -12.87 -3.63 8.89
N GLY B 64 -11.79 -4.33 8.54
CA GLY B 64 -11.19 -4.17 7.25
C GLY B 64 -10.71 -5.49 6.67
N TYR B 65 -10.64 -5.52 5.35
CA TYR B 65 -9.97 -6.59 4.62
C TYR B 65 -8.52 -6.21 4.33
N GLY B 66 -7.65 -7.23 4.27
CA GLY B 66 -6.28 -7.02 3.83
C GLY B 66 -5.72 -8.27 3.18
N PHE B 67 -4.60 -8.10 2.47
CA PHE B 67 -3.87 -9.24 1.93
C PHE B 67 -2.92 -9.86 2.96
N GLU B 68 -2.65 -9.17 4.06
CA GLU B 68 -1.78 -9.67 5.12
C GLU B 68 -2.40 -9.34 6.47
N LYS B 69 -2.25 -10.25 7.43
CA LYS B 69 -2.68 -9.99 8.80
C LYS B 69 -1.98 -8.76 9.33
N GLY B 70 -2.75 -7.88 9.99
CA GLY B 70 -2.20 -6.64 10.48
C GLY B 70 -2.15 -5.51 9.48
N LYS B 71 -2.47 -5.77 8.21
CA LYS B 71 -2.41 -4.73 7.19
C LYS B 71 -3.75 -4.56 6.48
N ALA B 72 -4.85 -4.80 7.18
CA ALA B 72 -6.17 -4.48 6.64
C ALA B 72 -6.30 -2.98 6.42
N SER B 73 -7.13 -2.60 5.45
CA SER B 73 -7.35 -1.19 5.12
C SER B 73 -8.83 -0.98 4.82
N VAL B 74 -9.27 0.27 4.93
CA VAL B 74 -10.61 0.69 4.51
C VAL B 74 -10.45 1.87 3.56
N PRO B 75 -10.81 1.74 2.27
CA PRO B 75 -11.33 0.52 1.63
C PRO B 75 -10.29 -0.59 1.59
N GLY B 76 -10.76 -1.81 1.38
CA GLY B 76 -9.89 -2.95 1.23
C GLY B 76 -9.04 -2.80 -0.02
N PRO B 77 -8.08 -3.70 -0.17
CA PRO B 77 -7.12 -3.58 -1.26
C PRO B 77 -7.77 -3.85 -2.61
N LEU B 78 -7.25 -3.15 -3.63
CA LEU B 78 -7.71 -3.36 -5.00
C LEU B 78 -7.34 -4.75 -5.49
N ILE B 79 -8.30 -5.41 -6.13
CA ILE B 79 -8.09 -6.66 -6.85
C ILE B 79 -8.28 -6.36 -8.33
N GLU B 80 -7.29 -6.67 -9.15
CA GLU B 80 -7.31 -6.33 -10.58
C GLU B 80 -6.92 -7.55 -11.41
N VAL B 81 -7.78 -7.96 -12.34
CA VAL B 81 -7.53 -9.13 -13.18
C VAL B 81 -7.91 -8.81 -14.63
N ASN B 82 -7.52 -9.71 -15.52
CA ASN B 82 -7.86 -9.66 -16.94
C ASN B 82 -8.99 -10.64 -17.24
N GLU B 83 -9.88 -10.26 -18.16
CA GLU B 83 -10.96 -11.14 -18.58
C GLU B 83 -10.42 -12.49 -18.98
N GLY B 84 -11.01 -13.55 -18.42
CA GLY B 84 -10.55 -14.91 -18.61
C GLY B 84 -9.82 -15.47 -17.39
N ASP B 85 -9.26 -14.60 -16.55
CA ASP B 85 -8.57 -15.07 -15.36
C ASP B 85 -9.54 -15.72 -14.38
N THR B 86 -9.01 -16.67 -13.62
CA THR B 86 -9.68 -17.25 -12.46
C THR B 86 -8.91 -16.83 -11.21
N LEU B 87 -9.64 -16.47 -10.15
CA LEU B 87 -9.03 -16.05 -8.90
C LEU B 87 -9.51 -16.95 -7.76
N HIS B 88 -8.57 -17.63 -7.09
CA HIS B 88 -8.86 -18.43 -5.91
C HIS B 88 -8.40 -17.65 -4.68
N ILE B 89 -9.36 -17.23 -3.85
CA ILE B 89 -9.07 -16.40 -2.69
C ILE B 89 -9.16 -17.29 -1.45
N GLU B 90 -8.00 -17.53 -0.82
CA GLU B 90 -7.95 -18.21 0.47
C GLU B 90 -8.27 -17.17 1.55
N PHE B 91 -9.52 -17.15 2.01
CA PHE B 91 -10.02 -16.12 2.91
C PHE B 91 -10.07 -16.64 4.34
N THR B 92 -9.50 -15.87 5.27
CA THR B 92 -9.52 -16.20 6.69
C THR B 92 -10.25 -15.10 7.44
N ASN B 93 -11.24 -15.49 8.24
CA ASN B 93 -11.96 -14.58 9.12
C ASN B 93 -11.26 -14.61 10.47
N THR B 94 -10.51 -13.55 10.80
CA THR B 94 -9.83 -13.52 12.10
C THR B 94 -10.67 -12.89 13.19
N MET B 95 -11.92 -12.49 12.91
CA MET B 95 -12.76 -11.82 13.88
C MET B 95 -13.50 -12.82 14.76
N ASP B 96 -14.22 -12.30 15.76
CA ASP B 96 -14.98 -13.11 16.68
C ASP B 96 -16.45 -13.27 16.27
N VAL B 97 -16.84 -12.75 15.10
CA VAL B 97 -18.17 -12.92 14.55
C VAL B 97 -18.03 -13.46 13.14
N ARG B 98 -19.11 -14.07 12.64
CA ARG B 98 -19.10 -14.59 11.28
C ARG B 98 -18.93 -13.45 10.28
N ALA B 99 -18.28 -13.74 9.15
CA ALA B 99 -18.04 -12.74 8.12
C ALA B 99 -18.00 -13.44 6.78
N SER B 100 -18.10 -12.68 5.70
CA SER B 100 -18.04 -13.30 4.39
C SER B 100 -17.41 -12.35 3.37
N LEU B 101 -17.33 -12.84 2.15
CA LEU B 101 -16.84 -12.10 1.00
C LEU B 101 -17.82 -12.35 -0.14
N HIS B 102 -18.55 -11.32 -0.62
CA HIS B 102 -19.48 -11.28 -1.72
C HIS B 102 -18.97 -10.26 -2.74
N VAL B 103 -19.02 -10.69 -4.05
CA VAL B 103 -18.49 -9.86 -5.12
C VAL B 103 -19.61 -9.54 -6.13
N HIS B 104 -19.54 -8.33 -6.69
CA HIS B 104 -20.43 -7.97 -7.79
C HIS B 104 -19.76 -8.28 -9.13
N GLY B 105 -20.59 -8.59 -10.13
CA GLY B 105 -20.12 -8.65 -11.52
C GLY B 105 -19.41 -9.91 -11.98
N LEU B 106 -18.48 -10.43 -11.18
CA LEU B 106 -17.67 -11.56 -11.62
C LEU B 106 -18.50 -12.86 -11.56
N ASP B 107 -18.03 -13.88 -12.27
CA ASP B 107 -18.70 -15.18 -12.24
C ASP B 107 -18.30 -15.93 -10.97
N TYR B 108 -19.28 -16.35 -10.19
CA TYR B 108 -19.03 -17.22 -9.05
C TYR B 108 -20.14 -18.26 -8.99
N GLU B 109 -19.79 -19.50 -8.63
CA GLU B 109 -20.82 -20.48 -8.34
C GLU B 109 -21.48 -20.15 -7.00
N ILE B 110 -22.62 -20.79 -6.75
CA ILE B 110 -23.45 -20.43 -5.59
C ILE B 110 -22.68 -20.69 -4.29
N SER B 111 -21.74 -21.63 -4.29
CA SER B 111 -20.91 -21.88 -3.13
C SER B 111 -19.93 -20.75 -2.81
N SER B 112 -19.76 -19.77 -3.69
CA SER B 112 -18.98 -18.59 -3.39
C SER B 112 -19.84 -17.34 -3.35
N ASP B 113 -21.14 -17.53 -3.06
CA ASP B 113 -22.11 -16.46 -2.89
C ASP B 113 -21.75 -15.51 -1.75
N GLY B 114 -21.10 -16.01 -0.71
CA GLY B 114 -20.85 -15.20 0.46
C GLY B 114 -22.04 -14.91 1.35
N THR B 115 -23.14 -15.66 1.21
CA THR B 115 -24.33 -15.44 2.03
C THR B 115 -24.53 -16.59 3.02
N ALA B 116 -25.18 -16.27 4.14
CA ALA B 116 -25.55 -17.32 5.09
C ALA B 116 -26.56 -18.28 4.48
N MET B 117 -27.50 -17.76 3.68
CA MET B 117 -28.55 -18.60 3.10
C MET B 117 -27.94 -19.78 2.33
N ASN B 118 -26.91 -19.51 1.55
CA ASN B 118 -26.28 -20.56 0.77
C ASN B 118 -25.05 -21.14 1.47
N LYS B 119 -24.95 -20.95 2.79
CA LYS B 119 -23.92 -21.56 3.63
C LYS B 119 -22.53 -21.24 3.12
N SER B 120 -22.34 -19.96 2.81
CA SER B 120 -21.16 -19.48 2.11
C SER B 120 -20.39 -18.44 2.92
N ASP B 121 -20.76 -18.22 4.18
CA ASP B 121 -20.02 -17.33 5.06
C ASP B 121 -19.02 -18.15 5.87
N VAL B 122 -18.31 -17.49 6.80
CA VAL B 122 -17.14 -18.09 7.45
C VAL B 122 -17.23 -17.87 8.95
N GLU B 123 -17.10 -18.97 9.70
CA GLU B 123 -17.20 -18.89 11.15
C GLU B 123 -15.99 -18.14 11.72
N PRO B 124 -16.10 -17.62 12.94
CA PRO B 124 -14.95 -16.94 13.56
C PRO B 124 -13.71 -17.82 13.58
N GLY B 125 -12.58 -17.25 13.15
CA GLY B 125 -11.35 -18.00 13.03
C GLY B 125 -11.26 -18.94 11.84
N GLY B 126 -12.33 -19.07 11.06
CA GLY B 126 -12.34 -20.04 9.98
C GLY B 126 -11.67 -19.55 8.70
N THR B 127 -11.53 -20.49 7.77
CA THR B 127 -10.95 -20.25 6.45
C THR B 127 -11.84 -20.88 5.38
N ARG B 128 -11.92 -20.23 4.23
CA ARG B 128 -12.71 -20.72 3.12
C ARG B 128 -12.09 -20.21 1.84
N THR B 129 -12.08 -21.04 0.79
CA THR B 129 -11.59 -20.62 -0.51
C THR B 129 -12.77 -20.19 -1.37
N TYR B 130 -12.82 -18.91 -1.70
CA TYR B 130 -13.78 -18.35 -2.64
C TYR B 130 -13.16 -18.34 -4.03
N THR B 131 -13.94 -18.69 -5.04
CA THR B 131 -13.43 -18.70 -6.41
C THR B 131 -14.27 -17.73 -7.24
N TRP B 132 -13.59 -16.76 -7.86
CA TRP B 132 -14.19 -15.84 -8.81
C TRP B 132 -13.61 -16.13 -10.18
N ARG B 133 -14.48 -16.27 -11.18
CA ARG B 133 -14.06 -16.45 -12.55
C ARG B 133 -14.50 -15.25 -13.36
N THR B 134 -13.86 -15.08 -14.53
CA THR B 134 -14.22 -14.04 -15.47
C THR B 134 -14.17 -14.63 -16.87
N HIS B 135 -14.93 -14.02 -17.78
CA HIS B 135 -14.95 -14.50 -19.15
C HIS B 135 -14.83 -13.33 -20.12
N LYS B 136 -14.30 -13.63 -21.31
CA LYS B 136 -14.24 -12.70 -22.41
C LYS B 136 -15.60 -12.64 -23.11
N PRO B 137 -15.92 -11.55 -23.80
CA PRO B 137 -17.15 -11.52 -24.58
C PRO B 137 -17.02 -12.41 -25.82
N GLY B 138 -18.16 -12.81 -26.38
CA GLY B 138 -18.09 -13.63 -27.58
C GLY B 138 -19.46 -14.05 -28.08
N ARG B 139 -19.45 -14.56 -29.30
CA ARG B 139 -20.66 -14.98 -30.00
C ARG B 139 -21.16 -16.29 -29.43
N ARG B 140 -22.44 -16.34 -29.04
CA ARG B 140 -23.04 -17.59 -28.60
C ARG B 140 -23.45 -18.43 -29.81
N ASP B 141 -23.78 -19.70 -29.55
CA ASP B 141 -24.25 -20.59 -30.61
C ASP B 141 -25.53 -20.06 -31.25
N ASP B 142 -26.41 -19.42 -30.47
CA ASP B 142 -27.67 -18.90 -31.01
C ASP B 142 -27.49 -17.57 -31.76
N GLY B 143 -26.25 -17.14 -32.01
CA GLY B 143 -25.99 -15.90 -32.71
C GLY B 143 -25.96 -14.64 -31.86
N THR B 144 -26.33 -14.71 -30.59
CA THR B 144 -26.33 -13.52 -29.76
C THR B 144 -24.92 -13.27 -29.20
N TRP B 145 -24.73 -12.13 -28.54
CA TRP B 145 -23.41 -11.71 -28.05
C TRP B 145 -23.39 -11.80 -26.53
N ARG B 146 -22.52 -12.64 -26.00
CA ARG B 146 -22.34 -12.74 -24.56
C ARG B 146 -21.46 -11.62 -24.06
N PRO B 147 -21.90 -10.80 -23.11
CA PRO B 147 -21.02 -9.73 -22.60
C PRO B 147 -19.93 -10.33 -21.73
N GLY B 148 -18.77 -9.69 -21.77
CA GLY B 148 -17.68 -10.10 -20.90
C GLY B 148 -17.83 -9.60 -19.48
N SER B 149 -16.88 -10.00 -18.63
CA SER B 149 -16.86 -9.61 -17.23
C SER B 149 -16.28 -8.21 -17.01
N ALA B 150 -15.68 -7.60 -18.02
CA ALA B 150 -14.88 -6.40 -17.83
C ALA B 150 -15.71 -5.28 -17.19
N GLY B 151 -15.10 -4.58 -16.25
CA GLY B 151 -15.76 -3.43 -15.66
C GLY B 151 -15.17 -3.07 -14.31
N TYR B 152 -15.80 -2.06 -13.71
CA TYR B 152 -15.47 -1.59 -12.36
C TYR B 152 -16.47 -2.20 -11.40
N TRP B 153 -15.97 -3.04 -10.50
CA TRP B 153 -16.80 -3.83 -9.61
C TRP B 153 -16.32 -3.66 -8.17
N HIS B 154 -16.82 -4.49 -7.25
CA HIS B 154 -16.48 -4.32 -5.84
C HIS B 154 -16.88 -5.57 -5.08
N TYR B 155 -16.27 -5.74 -3.90
CA TYR B 155 -16.57 -6.83 -2.98
C TYR B 155 -16.89 -6.26 -1.61
N HIS B 156 -17.70 -6.99 -0.83
CA HIS B 156 -18.03 -6.53 0.51
C HIS B 156 -18.58 -7.70 1.33
N ASP B 157 -18.73 -7.45 2.63
CA ASP B 157 -19.27 -8.45 3.53
C ASP B 157 -20.78 -8.54 3.38
N HIS B 158 -21.32 -9.74 3.65
CA HIS B 158 -22.76 -9.99 3.52
C HIS B 158 -23.41 -10.54 4.79
N VAL B 159 -22.70 -10.64 5.92
CA VAL B 159 -23.31 -11.26 7.09
C VAL B 159 -23.06 -10.54 8.43
N VAL B 160 -22.19 -9.53 8.45
CA VAL B 160 -21.93 -8.84 9.72
C VAL B 160 -23.08 -7.88 10.03
N GLY B 161 -23.66 -8.02 11.23
CA GLY B 161 -24.73 -7.13 11.67
C GLY B 161 -26.09 -7.57 11.22
N THR B 162 -26.28 -7.76 9.90
CA THR B 162 -27.52 -8.31 9.38
C THR B 162 -27.17 -9.30 8.26
N GLU B 163 -28.20 -9.98 7.74
CA GLU B 163 -28.05 -10.93 6.66
C GLU B 163 -27.71 -10.27 5.32
N HIS B 164 -27.64 -8.95 5.28
CA HIS B 164 -27.18 -8.22 4.09
C HIS B 164 -25.91 -7.43 4.37
N GLY B 165 -25.23 -7.73 5.47
CA GLY B 165 -23.93 -7.14 5.75
C GLY B 165 -23.95 -5.68 6.15
N THR B 166 -25.09 -5.18 6.64
CA THR B 166 -25.20 -3.74 6.94
C THR B 166 -24.12 -3.29 7.92
N GLY B 167 -23.87 -4.08 8.97
CA GLY B 167 -22.85 -3.71 9.94
C GLY B 167 -21.44 -3.85 9.39
N GLY B 168 -21.17 -4.92 8.65
CA GLY B 168 -19.84 -5.07 8.06
C GLY B 168 -19.51 -3.95 7.09
N ILE B 169 -20.44 -3.63 6.20
CA ILE B 169 -20.26 -2.52 5.26
C ILE B 169 -20.03 -1.21 6.00
N ARG B 170 -20.87 -0.93 7.00
CA ARG B 170 -20.72 0.30 7.77
C ARG B 170 -19.36 0.38 8.44
N ASN B 171 -18.87 -0.76 8.94
CA ASN B 171 -17.60 -0.80 9.68
C ASN B 171 -16.38 -0.74 8.76
N GLY B 172 -16.54 -0.98 7.45
CA GLY B 172 -15.42 -0.85 6.54
C GLY B 172 -15.10 -2.05 5.66
N LEU B 173 -15.91 -3.11 5.68
CA LEU B 173 -15.62 -4.32 4.89
C LEU B 173 -16.15 -4.15 3.47
N TYR B 174 -15.40 -3.40 2.67
CA TYR B 174 -15.70 -3.19 1.25
C TYR B 174 -14.39 -2.87 0.55
N GLY B 175 -14.31 -3.22 -0.74
CA GLY B 175 -13.15 -2.89 -1.53
C GLY B 175 -13.42 -3.00 -3.03
N PRO B 176 -12.52 -2.48 -3.86
CA PRO B 176 -12.75 -2.46 -5.31
C PRO B 176 -12.19 -3.65 -6.06
N VAL B 177 -12.82 -3.94 -7.20
CA VAL B 177 -12.34 -4.96 -8.15
C VAL B 177 -12.39 -4.37 -9.54
N ILE B 178 -11.31 -4.55 -10.31
CA ILE B 178 -11.28 -4.13 -11.70
C ILE B 178 -11.03 -5.35 -12.58
N VAL B 179 -11.85 -5.51 -13.62
CA VAL B 179 -11.63 -6.54 -14.63
C VAL B 179 -11.35 -5.83 -15.95
N ARG B 180 -10.16 -6.07 -16.52
CA ARG B 180 -9.73 -5.43 -17.77
C ARG B 180 -10.07 -6.29 -18.97
N ARG B 181 -10.54 -5.65 -20.04
CA ARG B 181 -10.65 -6.28 -21.36
C ARG B 181 -9.34 -6.09 -22.12
N LYS B 182 -9.00 -7.09 -22.93
CA LYS B 182 -7.81 -6.97 -23.77
C LYS B 182 -7.87 -5.67 -24.58
N GLY B 183 -6.80 -4.88 -24.50
CA GLY B 183 -6.75 -3.62 -25.20
C GLY B 183 -7.22 -2.41 -24.41
N ASP B 184 -7.80 -2.60 -23.21
CA ASP B 184 -8.17 -1.49 -22.35
C ASP B 184 -6.93 -0.65 -22.01
N VAL B 185 -7.09 0.67 -21.99
CA VAL B 185 -6.01 1.56 -21.58
C VAL B 185 -5.75 1.41 -20.09
N LEU B 186 -4.46 1.32 -19.70
CA LEU B 186 -4.02 1.19 -18.32
C LEU B 186 -3.54 2.54 -17.77
N PRO B 187 -3.78 2.83 -16.49
CA PRO B 187 -3.46 4.15 -15.95
C PRO B 187 -2.08 4.19 -15.29
N ASP B 188 -1.64 5.40 -14.98
CA ASP B 188 -0.44 5.57 -14.15
C ASP B 188 -0.74 5.15 -12.70
N ALA B 189 -1.96 5.42 -12.23
CA ALA B 189 -2.32 5.12 -10.85
C ALA B 189 -3.83 5.02 -10.73
N THR B 190 -4.30 4.24 -9.74
CA THR B 190 -5.73 4.04 -9.50
C THR B 190 -6.07 4.43 -8.06
N HIS B 191 -7.10 5.26 -7.89
CA HIS B 191 -7.55 5.71 -6.59
C HIS B 191 -9.00 5.26 -6.38
N THR B 192 -9.32 4.82 -5.17
CA THR B 192 -10.65 4.33 -4.85
C THR B 192 -11.37 5.31 -3.95
N ILE B 193 -12.57 5.74 -4.38
CA ILE B 193 -13.41 6.67 -3.63
C ILE B 193 -14.72 5.98 -3.34
N VAL B 194 -15.03 5.79 -2.06
CA VAL B 194 -16.25 5.12 -1.63
C VAL B 194 -17.10 6.09 -0.83
N PHE B 195 -18.31 6.38 -1.32
CA PHE B 195 -19.31 7.12 -0.55
C PHE B 195 -20.03 6.10 0.33
N ASN B 196 -19.69 6.05 1.62
CA ASN B 196 -20.29 5.08 2.54
C ASN B 196 -21.12 5.84 3.57
N ASP B 197 -22.44 5.72 3.47
CA ASP B 197 -23.39 6.58 4.18
C ASP B 197 -22.96 8.04 3.94
N PHE B 198 -22.66 8.81 4.98
CA PHE B 198 -22.21 10.19 4.73
C PHE B 198 -20.71 10.32 4.50
N THR B 199 -19.91 9.30 4.81
CA THR B 199 -18.46 9.43 4.82
C THR B 199 -17.88 9.20 3.43
N ILE B 200 -16.62 9.59 3.26
CA ILE B 200 -15.79 9.13 2.15
C ILE B 200 -14.75 8.18 2.73
N ASN B 201 -14.79 6.92 2.32
CA ASN B 201 -13.80 5.92 2.77
C ASN B 201 -13.77 5.81 4.30
N ASN B 202 -14.93 6.02 4.94
CA ASN B 202 -15.09 5.94 6.39
C ASN B 202 -14.32 7.01 7.15
N ARG B 203 -13.84 8.05 6.48
CA ARG B 203 -13.08 9.10 7.16
C ARG B 203 -14.01 10.15 7.74
N LYS B 204 -13.53 10.83 8.79
CA LYS B 204 -14.29 11.89 9.42
C LYS B 204 -14.36 13.13 8.51
N PRO B 205 -15.32 14.03 8.75
CA PRO B 205 -15.38 15.26 7.95
C PRO B 205 -14.08 16.05 8.04
N HIS B 206 -13.77 16.78 6.97
CA HIS B 206 -12.61 17.65 6.87
C HIS B 206 -11.29 16.88 6.92
N THR B 207 -11.28 15.59 6.61
CA THR B 207 -10.03 14.84 6.61
C THR B 207 -9.74 14.18 5.27
N GLY B 208 -10.35 14.65 4.19
CA GLY B 208 -10.10 14.10 2.89
C GLY B 208 -10.96 12.88 2.63
N PRO B 209 -10.40 11.87 1.93
CA PRO B 209 -9.01 11.75 1.51
C PRO B 209 -8.61 12.63 0.33
N ASP B 210 -7.36 13.05 0.31
CA ASP B 210 -6.77 13.73 -0.83
C ASP B 210 -5.94 12.74 -1.64
N PHE B 211 -5.83 13.01 -2.94
CA PHE B 211 -5.00 12.25 -3.86
C PHE B 211 -4.13 13.23 -4.65
N GLU B 212 -2.92 12.82 -5.01
CA GLU B 212 -1.96 13.70 -5.67
C GLU B 212 -1.59 13.18 -7.05
N ALA B 213 -1.35 14.11 -7.97
CA ALA B 213 -0.87 13.77 -9.30
C ALA B 213 -0.04 14.93 -9.84
N THR B 214 0.69 14.66 -10.91
CA THR B 214 1.38 15.71 -11.66
C THR B 214 0.61 15.96 -12.95
N VAL B 215 0.54 17.24 -13.36
CA VAL B 215 -0.08 17.61 -14.63
C VAL B 215 0.34 16.62 -15.70
N GLY B 216 -0.64 16.03 -16.40
CA GLY B 216 -0.37 15.08 -17.45
C GLY B 216 -0.51 13.60 -17.08
N ASP B 217 -0.50 13.27 -15.79
CA ASP B 217 -0.66 11.87 -15.38
C ASP B 217 -2.01 11.33 -15.84
N ARG B 218 -2.04 10.04 -16.21
CA ARG B 218 -3.30 9.34 -16.48
C ARG B 218 -3.79 8.71 -15.19
N VAL B 219 -4.86 9.26 -14.63
CA VAL B 219 -5.35 8.90 -13.30
C VAL B 219 -6.67 8.15 -13.44
N GLU B 220 -6.78 7.00 -12.79
CA GLU B 220 -8.00 6.21 -12.79
C GLU B 220 -8.72 6.33 -11.45
N ILE B 221 -10.04 6.48 -11.50
CA ILE B 221 -10.89 6.57 -10.31
C ILE B 221 -11.86 5.40 -10.34
N VAL B 222 -11.94 4.65 -9.24
CA VAL B 222 -12.99 3.66 -9.01
C VAL B 222 -13.93 4.26 -7.97
N MET B 223 -15.22 4.37 -8.30
CA MET B 223 -16.19 5.10 -7.50
C MET B 223 -17.29 4.14 -7.07
N ILE B 224 -17.39 3.89 -5.78
CA ILE B 224 -18.33 2.91 -5.21
C ILE B 224 -19.19 3.63 -4.19
N THR B 225 -20.46 3.24 -4.08
CA THR B 225 -21.37 3.80 -3.10
C THR B 225 -21.94 2.69 -2.24
N HIS B 226 -22.12 2.97 -0.94
CA HIS B 226 -22.66 1.98 -0.01
C HIS B 226 -23.59 2.65 1.00
N GLY B 227 -24.48 1.83 1.58
CA GLY B 227 -25.23 2.25 2.73
C GLY B 227 -26.70 2.56 2.50
N GLU B 228 -27.12 3.74 2.95
CA GLU B 228 -28.52 4.11 3.03
C GLU B 228 -28.95 5.18 2.03
N TYR B 229 -28.04 6.02 1.53
CA TYR B 229 -28.41 7.24 0.83
C TYR B 229 -27.97 7.23 -0.63
N TYR B 230 -28.69 8.00 -1.45
CA TYR B 230 -28.21 8.34 -2.79
C TYR B 230 -27.22 9.50 -2.67
N HIS B 231 -26.33 9.62 -3.66
CA HIS B 231 -25.32 10.68 -3.70
C HIS B 231 -25.19 11.16 -5.14
N THR B 232 -24.51 12.30 -5.33
CA THR B 232 -24.04 12.73 -6.64
C THR B 232 -22.55 13.04 -6.57
N PHE B 233 -21.74 12.20 -7.20
CA PHE B 233 -20.28 12.41 -7.22
C PHE B 233 -19.94 13.52 -8.21
N HIS B 234 -19.19 14.53 -7.76
CA HIS B 234 -18.78 15.65 -8.61
C HIS B 234 -17.29 15.89 -8.48
N MET B 235 -16.63 16.17 -9.61
CA MET B 235 -15.20 16.47 -9.64
C MET B 235 -14.97 17.79 -10.36
N HIS B 236 -14.29 18.73 -9.72
CA HIS B 236 -13.97 20.00 -10.36
C HIS B 236 -12.88 19.80 -11.42
N GLY B 237 -12.97 20.59 -12.49
CA GLY B 237 -11.89 20.70 -13.46
C GLY B 237 -11.71 19.54 -14.41
N HIS B 238 -12.48 18.46 -14.28
CA HIS B 238 -12.27 17.25 -15.06
C HIS B 238 -13.64 16.63 -15.40
N ARG B 239 -13.65 15.82 -16.45
CA ARG B 239 -14.89 15.20 -16.91
C ARG B 239 -14.57 13.84 -17.53
N TRP B 240 -15.60 13.03 -17.73
CA TRP B 240 -15.40 11.67 -18.24
C TRP B 240 -16.68 11.23 -18.97
N ALA B 241 -16.61 10.08 -19.64
CA ALA B 241 -17.75 9.56 -20.39
C ALA B 241 -18.56 8.59 -19.55
N ASP B 242 -19.88 8.67 -19.66
CA ASP B 242 -20.76 7.80 -18.85
C ASP B 242 -21.00 6.48 -19.59
N ASN B 243 -19.96 5.65 -19.61
CA ASN B 243 -20.02 4.34 -20.27
C ASN B 243 -19.11 3.39 -19.50
N ARG B 244 -18.81 2.22 -20.09
CA ARG B 244 -18.11 1.18 -19.32
C ARG B 244 -16.77 1.68 -18.79
N THR B 245 -15.92 2.24 -19.66
CA THR B 245 -14.56 2.60 -19.26
C THR B 245 -14.42 4.04 -18.79
N GLY B 246 -15.46 4.87 -18.92
CA GLY B 246 -15.30 6.29 -18.66
C GLY B 246 -14.53 7.02 -19.74
N ILE B 247 -14.21 6.36 -20.84
CA ILE B 247 -13.42 6.94 -21.94
C ILE B 247 -14.19 6.74 -23.23
N LEU B 248 -14.16 7.73 -24.11
CA LEU B 248 -14.72 7.56 -25.44
C LEU B 248 -13.71 6.88 -26.34
N THR B 249 -14.16 5.89 -27.10
CA THR B 249 -13.24 5.20 -28.01
C THR B 249 -12.90 6.03 -29.24
N GLY B 250 -13.82 6.88 -29.68
CA GLY B 250 -13.62 7.72 -30.83
C GLY B 250 -14.86 8.56 -31.08
N PRO B 251 -14.98 9.13 -32.28
CA PRO B 251 -16.05 10.09 -32.54
C PRO B 251 -17.45 9.48 -32.65
N ASP B 252 -17.59 8.15 -32.74
CA ASP B 252 -18.90 7.54 -32.93
C ASP B 252 -19.62 7.21 -31.63
N ASP B 253 -19.00 7.38 -30.47
CA ASP B 253 -19.62 7.01 -29.20
C ASP B 253 -20.52 8.15 -28.72
N PRO B 254 -21.83 7.95 -28.62
CA PRO B 254 -22.74 9.04 -28.23
C PRO B 254 -22.95 9.21 -26.72
N SER B 255 -22.14 8.55 -25.88
CA SER B 255 -22.33 8.61 -24.43
C SER B 255 -22.21 10.05 -23.94
N ARG B 256 -23.00 10.38 -22.90
CA ARG B 256 -22.91 11.70 -22.29
C ARG B 256 -21.54 11.89 -21.64
N VAL B 257 -20.97 13.06 -21.84
CA VAL B 257 -19.76 13.46 -21.12
C VAL B 257 -20.21 14.29 -19.92
N ILE B 258 -19.72 13.95 -18.73
CA ILE B 258 -20.30 14.42 -17.47
C ILE B 258 -19.18 14.79 -16.49
N ASP B 259 -19.55 15.56 -15.47
CA ASP B 259 -18.69 15.74 -14.30
C ASP B 259 -19.46 15.54 -13.00
N ASN B 260 -20.67 14.97 -13.07
CA ASN B 260 -21.60 14.85 -11.95
C ASN B 260 -22.43 13.61 -12.23
N LYS B 261 -22.58 12.72 -11.24
CA LYS B 261 -23.26 11.45 -11.51
C LYS B 261 -24.00 10.96 -10.27
N ILE B 262 -25.30 10.67 -10.40
CA ILE B 262 -26.05 10.17 -9.26
C ILE B 262 -25.72 8.70 -9.03
N THR B 263 -25.59 8.32 -7.75
CA THR B 263 -25.26 6.95 -7.37
C THR B 263 -26.10 6.52 -6.18
N GLY B 264 -26.25 5.20 -6.05
CA GLY B 264 -26.95 4.63 -4.93
C GLY B 264 -26.19 3.44 -4.36
N PRO B 265 -26.65 2.92 -3.24
CA PRO B 265 -25.94 1.81 -2.58
C PRO B 265 -25.65 0.64 -3.51
N ALA B 266 -24.37 0.24 -3.51
CA ALA B 266 -23.71 -0.83 -4.27
C ALA B 266 -23.52 -0.50 -5.75
N ASP B 267 -23.76 0.75 -6.18
CA ASP B 267 -23.35 1.18 -7.50
C ASP B 267 -21.83 1.25 -7.59
N SER B 268 -21.28 0.90 -8.75
CA SER B 268 -19.87 1.12 -9.00
C SER B 268 -19.67 1.55 -10.44
N PHE B 269 -18.77 2.51 -10.64
CA PHE B 269 -18.33 2.88 -11.98
C PHE B 269 -16.90 3.35 -11.85
N GLY B 270 -16.25 3.54 -13.00
CA GLY B 270 -14.90 4.06 -12.99
C GLY B 270 -14.61 4.82 -14.27
N PHE B 271 -13.47 5.52 -14.26
CA PHE B 271 -13.09 6.33 -15.40
C PHE B 271 -11.62 6.68 -15.28
N GLN B 272 -11.07 7.22 -16.37
CA GLN B 272 -9.72 7.76 -16.38
C GLN B 272 -9.77 9.20 -16.88
N ILE B 273 -8.91 10.04 -16.31
CA ILE B 273 -8.75 11.43 -16.72
C ILE B 273 -7.27 11.71 -16.87
N ILE B 274 -6.95 12.73 -17.65
CA ILE B 274 -5.59 13.25 -17.70
C ILE B 274 -5.53 14.43 -16.74
N ALA B 275 -4.72 14.31 -15.70
CA ALA B 275 -4.71 15.30 -14.62
C ALA B 275 -4.36 16.68 -15.17
N GLY B 276 -5.23 17.66 -14.89
CA GLY B 276 -5.00 19.02 -15.33
C GLY B 276 -5.18 19.28 -16.80
N GLU B 277 -5.70 18.32 -17.57
CA GLU B 277 -5.78 18.49 -19.03
C GLU B 277 -6.66 19.69 -19.39
N GLY B 278 -6.08 20.66 -20.10
CA GLY B 278 -6.78 21.87 -20.49
C GLY B 278 -7.12 22.83 -19.37
N VAL B 279 -6.73 22.53 -18.13
CA VAL B 279 -7.10 23.35 -16.98
C VAL B 279 -5.93 23.69 -16.08
N GLY B 280 -4.83 22.94 -16.12
CA GLY B 280 -3.62 23.29 -15.37
C GLY B 280 -3.58 22.68 -13.97
N ALA B 281 -2.50 23.02 -13.26
CA ALA B 281 -2.34 22.54 -11.90
C ALA B 281 -3.32 23.24 -10.96
N GLY B 282 -3.60 22.58 -9.84
CA GLY B 282 -4.56 23.15 -8.90
C GLY B 282 -5.03 22.16 -7.85
N ALA B 283 -5.63 22.68 -6.79
CA ALA B 283 -6.29 21.84 -5.78
C ALA B 283 -7.75 21.71 -6.23
N TRP B 284 -8.03 20.62 -6.95
CA TRP B 284 -9.34 20.40 -7.57
C TRP B 284 -10.23 19.60 -6.63
N MET B 285 -11.29 20.22 -6.13
CA MET B 285 -12.19 19.54 -5.19
C MET B 285 -12.94 18.40 -5.87
N TYR B 286 -13.23 17.37 -5.09
CA TYR B 286 -14.27 16.41 -5.41
C TYR B 286 -15.12 16.22 -4.15
N HIS B 287 -16.41 15.98 -4.34
CA HIS B 287 -17.32 15.89 -3.22
C HIS B 287 -18.67 15.39 -3.71
N CYS B 288 -19.53 15.00 -2.77
CA CYS B 288 -20.93 14.80 -3.10
C CYS B 288 -21.58 16.16 -3.29
N HIS B 289 -22.45 16.30 -4.30
CA HIS B 289 -23.07 17.60 -4.55
C HIS B 289 -24.42 17.76 -3.88
N VAL B 290 -24.92 16.74 -3.18
CA VAL B 290 -26.10 16.93 -2.33
C VAL B 290 -25.73 17.97 -1.27
N GLN B 291 -26.51 19.05 -1.18
CA GLN B 291 -25.99 20.23 -0.48
C GLN B 291 -25.78 19.96 1.01
N SER B 292 -26.68 19.22 1.67
CA SER B 292 -26.43 18.95 3.10
C SER B 292 -25.23 18.04 3.30
N HIS B 293 -24.92 17.19 2.32
CA HIS B 293 -23.77 16.28 2.45
C HIS B 293 -22.46 17.04 2.35
N SER B 294 -22.32 17.88 1.32
CA SER B 294 -21.10 18.67 1.21
C SER B 294 -20.98 19.65 2.36
N ASP B 295 -22.10 20.19 2.84
CA ASP B 295 -22.06 21.11 3.97
C ASP B 295 -21.59 20.45 5.26
N MET B 296 -21.68 19.11 5.35
CA MET B 296 -21.14 18.40 6.50
C MET B 296 -19.62 18.37 6.52
N GLY B 297 -18.97 18.68 5.41
CA GLY B 297 -17.53 18.74 5.37
C GLY B 297 -16.83 17.52 4.82
N PHE B 298 -17.57 16.56 4.28
CA PHE B 298 -16.98 15.41 3.61
C PHE B 298 -16.61 15.85 2.19
N VAL B 299 -15.34 16.18 2.00
CA VAL B 299 -14.82 16.67 0.73
C VAL B 299 -13.39 16.18 0.64
N GLY B 300 -12.88 16.05 -0.58
CA GLY B 300 -11.49 15.73 -0.80
C GLY B 300 -10.92 16.62 -1.88
N LEU B 301 -9.60 16.54 -2.03
CA LEU B 301 -8.88 17.33 -3.02
C LEU B 301 -8.09 16.41 -3.93
N PHE B 302 -8.21 16.66 -5.24
CA PHE B 302 -7.34 16.08 -6.24
C PHE B 302 -6.25 17.12 -6.48
N LEU B 303 -5.09 16.91 -5.85
CA LEU B 303 -4.00 17.89 -5.82
C LEU B 303 -3.11 17.66 -7.03
N VAL B 304 -3.30 18.49 -8.06
CA VAL B 304 -2.57 18.33 -9.32
C VAL B 304 -1.42 19.33 -9.33
N LYS B 305 -0.19 18.82 -9.39
CA LYS B 305 1.01 19.61 -9.17
C LYS B 305 1.76 19.89 -10.47
N LYS B 306 2.49 20.99 -10.50
CA LYS B 306 3.55 21.17 -11.49
C LYS B 306 4.71 20.25 -11.14
N PRO B 307 5.68 20.07 -12.05
CA PRO B 307 6.86 19.24 -11.69
C PRO B 307 7.60 19.71 -10.45
N ASP B 308 7.68 21.02 -10.21
CA ASP B 308 8.30 21.48 -8.97
C ASP B 308 7.42 21.24 -7.75
N GLY B 309 6.30 20.52 -7.90
CA GLY B 309 5.47 20.21 -6.75
C GLY B 309 4.57 21.32 -6.28
N THR B 310 4.59 22.48 -6.93
CA THR B 310 3.74 23.57 -6.48
C THR B 310 2.36 23.48 -7.12
N ILE B 311 1.40 24.11 -6.44
CA ILE B 311 0.00 24.09 -6.84
C ILE B 311 -0.51 25.51 -6.77
N PRO B 312 -0.94 26.12 -7.88
CA PRO B 312 -1.38 27.53 -7.85
C PRO B 312 -2.56 27.70 -6.91
N GLY B 313 -2.46 28.70 -6.04
CA GLY B 313 -3.53 29.02 -5.11
C GLY B 313 -3.66 28.08 -3.94
N TYR B 314 -2.72 27.14 -3.78
CA TYR B 314 -2.74 26.19 -2.66
C TYR B 314 -1.49 26.40 -1.84
N GLU B 315 -1.66 26.90 -0.62
CA GLU B 315 -0.55 26.99 0.33
C GLU B 315 -0.65 25.85 1.31
N PRO B 316 0.30 24.92 1.33
CA PRO B 316 0.17 23.76 2.23
C PRO B 316 0.03 24.12 3.69
N HIS B 317 0.63 25.22 4.14
CA HIS B 317 0.54 25.60 5.55
C HIS B 317 -0.86 26.08 5.93
N GLU B 318 -1.67 26.51 4.96
CA GLU B 318 -3.06 26.85 5.22
C GLU B 318 -3.98 25.64 5.24
N HIS B 319 -3.46 24.46 4.93
CA HIS B 319 -4.22 23.22 4.98
C HIS B 319 -3.61 22.26 5.99
O1 PG4 C . 10.36 -8.16 -5.86
C1 PG4 C . 10.84 -6.83 -5.71
C2 PG4 C . 9.82 -5.91 -5.11
O2 PG4 C . 9.33 -6.42 -3.88
C3 PG4 C . 8.48 -5.50 -3.23
C4 PG4 C . 7.41 -6.14 -2.41
O3 PG4 C . 7.87 -7.32 -1.75
C5 PG4 C . 7.15 -7.56 -0.54
C6 PG4 C . 7.11 -9.03 -0.23
O4 PG4 C . 6.32 -9.71 -1.19
C7 PG4 C . 5.96 -11.03 -0.80
C8 PG4 C . 4.91 -11.00 0.28
O5 PG4 C . 3.61 -10.71 -0.23
CU CU D . 23.63 5.56 2.65
CU CU E . 27.67 7.49 0.14
CU CU F . 26.27 3.85 0.38
CU CU G . 16.39 9.45 19.26
O1 PG4 H . -4.19 -9.99 -9.49
C1 PG4 H . -5.10 -9.93 -8.39
C2 PG4 H . -4.70 -8.89 -7.38
O2 PG4 H . -4.51 -7.62 -8.00
C3 PG4 H . -4.29 -6.60 -7.04
C4 PG4 H . -3.37 -5.52 -7.52
O3 PG4 H . -3.57 -5.19 -8.89
C5 PG4 H . -3.18 -3.84 -9.18
C6 PG4 H . -2.71 -3.70 -10.59
O4 PG4 H . -1.45 -4.36 -10.75
C7 PG4 H . -0.74 -3.96 -11.92
C8 PG4 H . -0.20 -2.57 -11.75
O5 PG4 H . 0.94 -2.52 -10.89
CU CU I . -23.51 -5.92 -2.93
CU CU J . -26.97 -9.52 -1.89
CU CU K . -24.47 -8.91 -4.80
CU CU L . -23.92 12.51 -0.67
#